data_8TVL
#
_entry.id   8TVL
#
_cell.length_a   1.00
_cell.length_b   1.00
_cell.length_c   1.00
_cell.angle_alpha   90.00
_cell.angle_beta   90.00
_cell.angle_gamma   90.00
#
_symmetry.space_group_name_H-M   'P 1'
#
_entity_poly.entity_id   1
_entity_poly.type   'polypeptide(L)'
_entity_poly.pdbx_seq_one_letter_code
;NRADDARNEVLRGNLVRAELWYRQIQENDQLKLENKGLKTDLREKEEELQGLKDDVEKLTADAELQRLKNERHEEAELER
LKSERHDHDKKEAERKALEDKLADKQEHLNGALRYINEKEAERKEKEAEQKKLKEEKQISDASRQGLRRDLDASREAKKQ
VEKDLANLTAELDKVKEEKQISDASRQGLRRDLDASREAKKQVEKGLANLTAELDKVKEEKQISDASRQGLRRDLDASRE
AKKQVEKALEEANSKLAALEKLNKELEESKKLTEKEKAELQAKLEAEAKALKEQLAKQAEELAKLRAEKASDSQTPDAKP
GNKAVPGKGQAPQAGTKPNQNKAPMKETKRQLPSTG
;
_entity_poly.pdbx_strand_id   A
#
# COMPACT_ATOMS: atom_id res chain seq x y z
N GLU A 19 5.47 22.13 -33.90
CA GLU A 19 6.71 21.87 -33.18
C GLU A 19 7.73 22.97 -33.49
N LEU A 20 7.24 24.21 -33.45
CA LEU A 20 8.02 25.36 -33.89
C LEU A 20 8.88 25.91 -32.76
N TRP A 21 9.69 26.91 -33.09
CA TRP A 21 10.51 27.61 -32.09
C TRP A 21 10.92 28.96 -32.66
N TYR A 22 10.24 30.03 -32.23
CA TYR A 22 10.45 31.37 -32.76
C TYR A 22 11.21 32.19 -31.71
N ARG A 23 11.63 33.39 -32.10
CA ARG A 23 12.53 34.19 -31.26
C ARG A 23 13.82 33.42 -31.07
N GLN A 24 14.38 32.93 -32.17
CA GLN A 24 15.44 31.93 -32.12
C GLN A 24 16.78 32.52 -31.70
N ILE A 25 16.88 32.96 -30.44
CA ILE A 25 18.17 33.21 -29.82
C ILE A 25 18.54 31.94 -29.05
N GLN A 26 19.84 31.65 -28.96
CA GLN A 26 20.30 30.35 -28.47
C GLN A 26 20.10 30.24 -26.96
N GLU A 27 18.86 29.93 -26.58
CA GLU A 27 18.48 29.74 -25.18
C GLU A 27 18.03 28.30 -24.97
N ASN A 28 18.79 27.56 -24.15
CA ASN A 28 18.40 26.19 -23.81
C ASN A 28 18.97 25.83 -22.45
N ASP A 29 20.02 25.01 -22.41
CA ASP A 29 20.65 24.68 -21.14
C ASP A 29 21.48 25.86 -20.63
N GLN A 30 21.47 26.04 -19.31
CA GLN A 30 22.26 27.11 -18.69
C GLN A 30 22.77 26.66 -17.32
N LEU A 31 23.44 27.57 -16.59
CA LEU A 31 24.19 27.23 -15.39
C LEU A 31 23.63 27.79 -14.09
N LYS A 32 23.68 26.97 -13.02
CA LYS A 32 23.18 27.36 -11.70
C LYS A 32 21.67 27.53 -11.77
N LEU A 33 20.93 26.78 -10.93
CA LEU A 33 19.50 26.61 -11.11
C LEU A 33 18.75 26.80 -9.80
N GLU A 34 17.81 27.74 -9.80
CA GLU A 34 16.80 27.81 -8.76
C GLU A 34 15.58 28.57 -9.29
N ASN A 35 14.52 27.85 -9.63
CA ASN A 35 13.37 28.44 -10.32
C ASN A 35 12.56 29.33 -9.39
N LYS A 36 11.38 29.76 -9.86
CA LYS A 36 10.52 30.65 -9.10
C LYS A 36 9.07 30.18 -9.16
N GLY A 37 8.14 31.04 -8.74
CA GLY A 37 6.77 30.64 -8.52
C GLY A 37 5.82 30.76 -9.70
N LEU A 38 5.80 31.90 -10.38
CA LEU A 38 4.67 32.25 -11.24
C LEU A 38 3.38 31.97 -10.48
N LYS A 39 3.24 32.68 -9.35
CA LYS A 39 2.48 32.18 -8.22
C LYS A 39 1.00 32.60 -8.33
N THR A 40 0.29 31.91 -9.21
CA THR A 40 -1.16 31.82 -9.12
C THR A 40 -1.46 30.67 -8.16
N ASP A 41 -1.58 31.01 -6.89
CA ASP A 41 -1.50 30.01 -5.83
C ASP A 41 -2.72 29.10 -5.86
N LEU A 42 -2.44 27.81 -6.01
CA LEU A 42 -3.39 26.77 -5.68
C LEU A 42 -2.61 25.66 -4.96
N ARG A 43 -1.61 26.08 -4.18
CA ARG A 43 -0.53 25.20 -3.77
C ARG A 43 -0.20 25.24 -2.28
N GLU A 44 -0.40 26.39 -1.63
CA GLU A 44 0.12 26.65 -0.30
C GLU A 44 1.63 26.93 -0.34
N LYS A 45 2.44 25.91 -0.66
CA LYS A 45 3.89 26.12 -0.68
C LYS A 45 4.56 25.01 -1.49
N GLU A 46 5.81 25.24 -1.91
CA GLU A 46 6.52 24.38 -2.86
C GLU A 46 5.81 24.36 -4.20
N GLU A 47 5.77 25.52 -4.85
CA GLU A 47 5.06 25.78 -6.11
C GLU A 47 5.85 25.21 -7.28
N GLU A 48 5.55 25.64 -8.50
CA GLU A 48 6.17 25.05 -9.69
C GLU A 48 7.66 25.33 -9.63
N LEU A 49 8.41 24.30 -9.24
CA LEU A 49 9.87 24.33 -9.18
C LEU A 49 10.31 22.89 -9.43
N GLN A 50 10.68 22.57 -10.67
CA GLN A 50 10.82 21.17 -11.07
C GLN A 50 12.23 20.64 -10.84
N GLY A 51 12.76 20.86 -9.64
CA GLY A 51 13.64 19.91 -8.99
C GLY A 51 12.88 19.36 -7.79
N LEU A 52 12.21 20.28 -7.09
CA LEU A 52 11.20 19.97 -6.09
C LEU A 52 9.81 20.15 -6.72
N LYS A 53 9.43 19.16 -7.53
CA LYS A 53 8.51 19.38 -8.65
C LYS A 53 7.07 19.71 -8.28
N ASP A 54 6.24 19.83 -9.32
CA ASP A 54 4.91 20.42 -9.22
C ASP A 54 3.87 19.54 -8.57
N ASP A 55 4.19 18.28 -8.28
CA ASP A 55 3.40 17.52 -7.34
C ASP A 55 4.31 16.75 -6.39
N VAL A 56 5.56 17.19 -6.26
CA VAL A 56 6.46 16.60 -5.28
C VAL A 56 6.32 17.42 -3.99
N GLU A 57 5.25 17.15 -3.24
CA GLU A 57 5.00 17.58 -1.87
C GLU A 57 3.55 18.04 -1.75
N LYS A 58 3.31 19.34 -1.58
CA LYS A 58 1.95 19.83 -1.30
C LYS A 58 1.66 21.13 -2.04
N LEU A 59 1.99 21.21 -3.32
CA LEU A 59 1.43 22.27 -4.14
C LEU A 59 0.18 21.74 -4.83
N THR A 60 -0.29 22.49 -5.82
CA THR A 60 -1.48 22.08 -6.53
C THR A 60 -1.38 20.63 -7.01
N ALA A 61 -2.19 19.76 -6.41
CA ALA A 61 -2.48 18.43 -6.91
C ALA A 61 -1.49 17.34 -6.49
N ASP A 62 -0.76 17.52 -5.38
CA ASP A 62 -0.12 16.41 -4.70
C ASP A 62 -0.66 16.36 -3.27
N ALA A 63 -1.80 15.71 -3.09
CA ALA A 63 -2.42 15.58 -1.79
C ALA A 63 -1.70 14.52 -0.99
N GLU A 64 -1.78 14.65 0.34
CA GLU A 64 -1.17 13.66 1.21
C GLU A 64 -2.00 12.40 1.15
N LEU A 65 -1.69 11.43 2.00
CA LEU A 65 -2.26 10.10 1.86
C LEU A 65 -1.85 9.54 0.50
N GLN A 66 -0.55 9.51 0.27
CA GLN A 66 0.07 8.73 -0.81
C GLN A 66 -0.31 9.19 -2.21
N ARG A 67 0.06 10.44 -2.55
CA ARG A 67 0.13 10.81 -3.97
C ARG A 67 1.33 11.72 -4.26
N LEU A 68 2.32 11.76 -3.38
CA LEU A 68 3.53 12.56 -3.58
C LEU A 68 4.37 11.89 -4.65
N LYS A 69 5.67 12.18 -4.69
CA LYS A 69 6.56 11.44 -5.58
C LYS A 69 6.58 9.95 -5.24
N ASN A 70 5.95 9.55 -4.14
CA ASN A 70 5.80 8.13 -3.80
C ASN A 70 5.09 7.35 -4.90
N GLU A 71 4.06 7.92 -5.51
CA GLU A 71 3.35 7.23 -6.57
C GLU A 71 4.31 6.91 -7.72
N ARG A 72 3.82 6.21 -8.74
CA ARG A 72 4.66 5.69 -9.81
C ARG A 72 4.84 6.73 -10.91
N HIS A 73 5.05 7.97 -10.49
CA HIS A 73 5.27 9.07 -11.42
C HIS A 73 5.44 10.41 -10.73
N GLU A 74 5.86 11.40 -11.52
CA GLU A 74 5.49 12.79 -11.26
C GLU A 74 4.93 13.32 -12.57
N GLU A 75 3.67 12.94 -12.83
CA GLU A 75 2.89 13.38 -13.98
C GLU A 75 1.55 13.93 -13.54
N ALA A 76 1.10 13.60 -12.33
CA ALA A 76 0.32 14.50 -11.52
C ALA A 76 1.17 15.66 -11.03
N GLU A 77 2.42 15.74 -11.50
CA GLU A 77 3.35 16.82 -11.27
C GLU A 77 2.81 18.05 -11.97
N LEU A 78 1.87 18.71 -11.31
CA LEU A 78 0.95 19.59 -12.02
C LEU A 78 1.67 20.85 -12.47
N GLU A 79 2.29 20.77 -13.65
CA GLU A 79 3.08 21.85 -14.21
C GLU A 79 2.20 23.04 -14.57
N ARG A 80 0.91 22.94 -14.32
CA ARG A 80 -0.02 24.01 -14.61
C ARG A 80 0.06 25.16 -13.62
N LEU A 81 0.80 25.00 -12.52
CA LEU A 81 0.86 26.07 -11.54
C LEU A 81 1.39 27.35 -12.17
N LYS A 82 2.44 27.25 -12.98
CA LYS A 82 2.82 28.34 -13.86
C LYS A 82 2.09 28.29 -15.19
N SER A 83 1.88 27.10 -15.74
CA SER A 83 1.13 26.94 -16.97
C SER A 83 -0.34 26.71 -16.64
N GLU A 84 -0.89 27.59 -15.82
CA GLU A 84 -2.28 27.54 -15.38
C GLU A 84 -3.22 27.75 -16.56
N ARG A 85 -2.96 28.80 -17.33
CA ARG A 85 -3.70 29.02 -18.57
C ARG A 85 -2.86 28.69 -19.80
N HIS A 86 -1.62 28.21 -19.62
CA HIS A 86 -0.71 27.96 -20.72
C HIS A 86 -0.52 26.49 -21.03
N ASP A 87 -1.01 25.58 -20.18
CA ASP A 87 -0.97 24.15 -20.46
C ASP A 87 -2.40 23.63 -20.66
N HIS A 88 -3.26 23.79 -19.66
CA HIS A 88 -4.63 23.28 -19.69
C HIS A 88 -5.44 24.15 -18.72
N ASP A 89 -6.34 24.96 -19.29
CA ASP A 89 -6.98 26.02 -18.51
C ASP A 89 -8.15 25.48 -17.68
N LYS A 90 -7.88 24.46 -16.87
CA LYS A 90 -8.73 24.14 -15.74
C LYS A 90 -8.34 24.94 -14.50
N LYS A 91 -7.43 25.90 -14.67
CA LYS A 91 -6.86 26.70 -13.60
C LYS A 91 -5.80 25.91 -12.84
N GLU A 92 -5.68 24.60 -13.11
CA GLU A 92 -4.69 23.73 -12.48
C GLU A 92 -4.99 22.27 -12.79
N ALA A 93 -5.60 21.59 -11.81
CA ALA A 93 -5.73 20.13 -11.77
C ALA A 93 -7.04 19.66 -12.38
N GLU A 94 -7.44 18.42 -12.04
CA GLU A 94 -8.59 17.75 -12.58
C GLU A 94 -8.28 17.32 -14.01
N ARG A 95 -7.03 16.91 -14.22
CA ARG A 95 -6.59 16.38 -15.51
C ARG A 95 -5.23 15.70 -15.34
N LYS A 96 -4.15 16.36 -15.73
CA LYS A 96 -2.84 15.72 -15.71
C LYS A 96 -2.49 15.23 -14.30
N ALA A 97 -2.93 15.97 -13.29
CA ALA A 97 -2.89 15.48 -11.91
C ALA A 97 -4.31 15.11 -11.52
N LEU A 98 -4.56 13.81 -11.35
CA LEU A 98 -5.92 13.33 -11.21
C LEU A 98 -6.46 13.57 -9.81
N GLU A 99 -6.39 14.80 -9.33
CA GLU A 99 -7.03 15.17 -8.07
C GLU A 99 -7.10 16.68 -7.96
N ASP A 100 -7.65 17.18 -6.86
CA ASP A 100 -7.97 18.59 -6.69
C ASP A 100 -6.92 19.25 -5.80
N LYS A 101 -5.93 19.87 -6.43
CA LYS A 101 -5.09 20.83 -5.73
C LYS A 101 -4.51 20.21 -4.46
N LEU A 102 -3.97 21.05 -3.59
CA LEU A 102 -3.60 20.60 -2.24
C LEU A 102 -4.81 20.03 -1.54
N ALA A 103 -5.98 20.65 -1.75
CA ALA A 103 -7.24 20.17 -1.20
C ALA A 103 -7.36 20.42 0.30
N ASP A 104 -6.53 21.32 0.83
CA ASP A 104 -6.27 21.35 2.27
C ASP A 104 -7.21 22.26 3.06
N LYS A 105 -7.34 23.52 2.66
CA LYS A 105 -7.78 24.57 3.57
C LYS A 105 -9.25 24.95 3.47
N GLN A 106 -10.12 24.34 4.29
CA GLN A 106 -11.46 24.89 4.52
C GLN A 106 -12.18 24.30 5.73
N GLU A 107 -12.26 25.08 6.81
CA GLU A 107 -13.14 24.89 7.98
C GLU A 107 -13.38 23.45 8.41
N HIS A 108 -12.32 22.63 8.47
CA HIS A 108 -12.41 21.32 9.10
C HIS A 108 -11.16 21.02 9.92
N LEU A 109 -10.75 21.97 10.76
CA LEU A 109 -9.40 21.95 11.33
C LEU A 109 -9.26 20.80 12.33
N ASN A 110 -9.08 19.58 11.82
CA ASN A 110 -9.22 18.37 12.62
C ASN A 110 -8.23 17.26 12.27
N GLY A 111 -7.25 17.48 11.38
CA GLY A 111 -6.55 16.35 10.78
C GLY A 111 -5.03 16.46 10.64
N ALA A 112 -4.47 15.29 10.30
CA ALA A 112 -3.12 15.07 9.76
C ALA A 112 -1.98 15.16 10.76
N LEU A 113 -2.22 15.65 11.98
CA LEU A 113 -1.31 15.43 13.11
C LEU A 113 0.16 15.73 12.83
N ARG A 114 0.51 16.98 12.51
CA ARG A 114 1.92 17.33 12.35
C ARG A 114 2.71 16.92 13.60
N TYR A 115 3.85 16.29 13.38
CA TYR A 115 4.47 15.52 14.46
C TYR A 115 5.97 15.80 14.56
N ILE A 116 6.49 15.64 15.78
CA ILE A 116 7.91 15.45 16.06
C ILE A 116 8.01 14.25 17.00
N ASN A 117 9.18 13.64 17.02
CA ASN A 117 9.33 12.32 17.64
C ASN A 117 10.71 12.18 18.28
N GLU A 118 10.82 11.18 19.16
CA GLU A 118 12.05 10.91 19.91
C GLU A 118 12.91 9.91 19.16
N LYS A 119 13.02 10.08 17.84
CA LYS A 119 13.91 9.24 17.04
C LYS A 119 15.32 9.63 17.46
N GLU A 120 15.72 9.15 18.63
CA GLU A 120 17.00 9.50 19.24
C GLU A 120 17.77 8.21 19.52
N ALA A 121 18.92 8.06 18.88
CA ALA A 121 19.72 6.84 19.00
C ALA A 121 20.56 6.90 20.27
N GLU A 122 19.92 7.25 21.39
CA GLU A 122 20.55 7.32 22.71
C GLU A 122 22.00 7.75 22.61
N ARG A 123 22.29 8.79 21.83
CA ARG A 123 23.64 9.32 21.82
C ARG A 123 23.81 10.16 23.09
N LYS A 124 25.01 10.70 23.29
CA LYS A 124 25.39 11.17 24.61
C LYS A 124 24.46 12.31 25.05
N GLU A 125 24.47 12.54 26.36
CA GLU A 125 23.68 13.60 26.97
C GLU A 125 24.53 14.86 27.05
N LYS A 126 24.02 15.94 26.46
CA LYS A 126 24.89 17.04 26.05
C LYS A 126 24.34 18.38 26.52
N GLU A 127 25.26 19.30 26.79
CA GLU A 127 24.94 20.66 27.22
C GLU A 127 25.79 21.65 26.43
N ALA A 128 25.49 22.94 26.58
CA ALA A 128 25.95 23.96 25.65
C ALA A 128 26.67 25.13 26.35
N GLU A 129 27.59 24.84 27.26
CA GLU A 129 28.43 25.92 27.79
C GLU A 129 29.55 26.27 26.86
N GLN A 130 29.69 25.49 25.79
CA GLN A 130 30.58 25.82 24.68
C GLN A 130 29.80 25.96 23.40
N LYS A 131 28.48 26.14 23.47
CA LYS A 131 27.58 26.00 22.34
C LYS A 131 27.56 24.52 21.92
N LYS A 132 27.86 23.64 22.87
CA LYS A 132 27.70 22.20 22.70
C LYS A 132 28.57 21.64 21.57
N LEU A 133 29.89 21.67 21.73
CA LEU A 133 30.81 21.02 20.80
C LEU A 133 31.45 19.80 21.45
N LYS A 134 30.70 18.99 22.18
CA LYS A 134 31.26 17.84 22.87
C LYS A 134 31.90 16.86 21.90
N GLU A 135 32.55 15.83 22.43
CA GLU A 135 33.21 14.80 21.63
C GLU A 135 32.32 13.56 21.58
N GLU A 136 31.44 13.51 20.59
CA GLU A 136 30.61 12.34 20.32
C GLU A 136 31.33 11.48 19.30
N LYS A 137 31.93 10.38 19.75
CA LYS A 137 32.89 9.65 18.94
C LYS A 137 32.31 8.28 18.63
N GLN A 138 32.22 7.41 19.63
CA GLN A 138 31.59 6.13 19.44
C GLN A 138 30.17 6.14 19.94
N ILE A 139 29.82 7.07 20.82
CA ILE A 139 28.41 7.31 21.09
C ILE A 139 27.70 7.71 19.80
N SER A 140 28.44 8.23 18.82
CA SER A 140 27.88 8.59 17.51
C SER A 140 28.11 7.52 16.45
N ASP A 141 29.25 6.80 16.47
CA ASP A 141 29.31 5.59 15.67
C ASP A 141 28.17 4.64 15.99
N ALA A 142 27.77 4.56 17.26
CA ALA A 142 26.61 3.77 17.65
C ALA A 142 25.34 4.33 17.02
N SER A 143 25.21 5.66 16.99
CA SER A 143 24.04 6.27 16.38
C SER A 143 23.96 5.94 14.89
N ARG A 144 25.08 6.04 14.19
CA ARG A 144 25.13 5.78 12.77
C ARG A 144 25.01 4.30 12.43
N GLN A 145 25.43 3.40 13.31
CA GLN A 145 25.14 1.99 13.17
C GLN A 145 23.70 1.64 13.54
N GLY A 146 23.08 2.42 14.42
CA GLY A 146 21.68 2.26 14.70
C GLY A 146 20.88 2.64 13.47
N LEU A 147 21.27 3.72 12.81
CA LEU A 147 20.65 4.09 11.54
C LEU A 147 20.76 2.98 10.51
N ARG A 148 21.68 2.05 10.71
CA ARG A 148 21.73 0.86 9.85
C ARG A 148 20.87 -0.23 10.44
N ARG A 149 21.26 -0.77 11.59
CA ARG A 149 20.58 -1.96 12.08
C ARG A 149 19.36 -1.58 12.92
N ASP A 150 19.56 -0.76 13.95
CA ASP A 150 18.44 -0.33 14.78
C ASP A 150 17.27 0.09 13.91
N LEU A 151 17.56 0.74 12.79
CA LEU A 151 16.53 1.36 11.99
C LEU A 151 16.21 0.62 10.70
N ASP A 152 17.19 0.29 9.86
CA ASP A 152 16.82 -0.41 8.64
C ASP A 152 16.26 -1.76 9.01
N ALA A 153 15.39 -2.29 8.16
CA ALA A 153 14.62 -3.48 8.47
C ALA A 153 13.68 -3.27 9.64
N SER A 154 13.65 -2.06 10.19
CA SER A 154 12.70 -1.71 11.23
C SER A 154 11.49 -0.97 10.68
N ARG A 155 11.59 -0.44 9.47
CA ARG A 155 10.49 0.29 8.83
C ARG A 155 9.80 -0.51 7.74
N GLU A 156 10.51 -1.39 7.03
CA GLU A 156 9.84 -2.43 6.27
C GLU A 156 9.11 -3.41 7.18
N ALA A 157 9.49 -3.47 8.45
CA ALA A 157 8.64 -4.07 9.46
C ALA A 157 7.50 -3.15 9.84
N LYS A 158 7.68 -1.83 9.65
CA LYS A 158 6.60 -0.88 9.87
C LYS A 158 5.74 -0.71 8.62
N LYS A 159 6.30 -0.96 7.43
CA LYS A 159 5.66 -0.60 6.17
C LYS A 159 4.60 -1.58 5.71
N GLN A 160 3.61 -1.89 6.55
CA GLN A 160 2.46 -2.69 6.15
C GLN A 160 1.40 -1.73 5.63
N VAL A 161 1.75 -0.99 4.58
CA VAL A 161 1.00 0.23 4.27
C VAL A 161 0.57 0.34 2.80
N GLU A 162 1.14 -0.47 1.90
CA GLU A 162 0.83 -0.30 0.48
C GLU A 162 0.40 -1.59 -0.25
N LYS A 163 0.59 -2.77 0.35
CA LYS A 163 -0.11 -3.96 -0.14
C LYS A 163 -0.94 -4.60 0.97
N ASP A 164 -0.36 -4.86 2.15
CA ASP A 164 -1.09 -5.52 3.22
C ASP A 164 -2.11 -4.62 3.89
N LEU A 165 -2.12 -3.33 3.58
CA LEU A 165 -3.06 -2.41 4.18
C LEU A 165 -4.51 -2.86 3.98
N ALA A 166 -4.76 -3.77 3.03
CA ALA A 166 -6.12 -4.24 2.77
C ALA A 166 -6.60 -5.28 3.78
N ASN A 167 -5.70 -6.11 4.33
CA ASN A 167 -6.13 -7.30 5.04
C ASN A 167 -5.48 -7.46 6.40
N LEU A 168 -5.35 -6.38 7.17
CA LEU A 168 -4.83 -6.52 8.52
C LEU A 168 -5.90 -7.09 9.46
N THR A 169 -7.16 -6.74 9.20
CA THR A 169 -8.32 -7.36 9.86
C THR A 169 -9.25 -7.84 8.76
N ALA A 170 -9.62 -9.12 8.79
CA ALA A 170 -10.35 -9.76 7.70
C ALA A 170 -11.68 -10.31 8.22
N GLU A 171 -12.76 -9.58 7.95
CA GLU A 171 -14.13 -10.01 8.26
C GLU A 171 -14.41 -10.01 9.76
N LEU A 172 -13.38 -9.83 10.58
CA LEU A 172 -13.59 -9.66 12.01
C LEU A 172 -14.26 -8.32 12.25
N ASP A 173 -15.06 -8.27 13.32
CA ASP A 173 -15.91 -7.10 13.56
C ASP A 173 -15.06 -5.90 13.96
N LYS A 174 -14.23 -5.47 13.02
CA LYS A 174 -13.36 -4.30 13.19
C LYS A 174 -12.79 -4.25 14.61
N VAL A 175 -12.24 -5.39 15.05
CA VAL A 175 -11.47 -5.47 16.28
C VAL A 175 -10.05 -5.03 15.93
N LYS A 176 -9.77 -3.74 16.15
CA LYS A 176 -8.54 -3.15 15.63
C LYS A 176 -7.34 -4.00 15.96
N GLU A 177 -6.70 -4.51 14.92
CA GLU A 177 -5.46 -5.27 15.05
C GLU A 177 -4.43 -4.76 14.06
N GLU A 178 -4.87 -3.96 13.09
CA GLU A 178 -3.94 -3.46 12.08
C GLU A 178 -2.85 -2.61 12.72
N LYS A 179 -3.13 -2.01 13.87
CA LYS A 179 -2.16 -1.15 14.54
C LYS A 179 -1.40 -1.86 15.66
N GLN A 180 -1.56 -3.18 15.83
CA GLN A 180 -0.96 -3.91 16.93
C GLN A 180 0.06 -4.96 16.46
N ILE A 181 0.27 -5.09 15.16
CA ILE A 181 1.26 -6.03 14.63
C ILE A 181 2.34 -5.27 13.90
N SER A 182 1.95 -4.27 13.11
CA SER A 182 2.94 -3.31 12.63
C SER A 182 3.47 -2.47 13.78
N ASP A 183 2.77 -2.49 14.93
CA ASP A 183 3.19 -1.70 16.08
C ASP A 183 4.55 -2.15 16.60
N ALA A 184 4.77 -3.46 16.69
CA ALA A 184 6.02 -4.01 17.20
C ALA A 184 7.23 -3.61 16.36
N SER A 185 7.00 -2.89 15.27
CA SER A 185 8.08 -2.27 14.49
C SER A 185 8.17 -0.76 14.70
N ARG A 186 7.05 -0.08 14.96
CA ARG A 186 7.06 1.33 15.33
C ARG A 186 7.48 1.52 16.78
N GLN A 187 7.64 0.43 17.53
CA GLN A 187 8.43 0.43 18.75
C GLN A 187 9.84 -0.10 18.46
N GLY A 188 10.08 -0.59 17.25
CA GLY A 188 11.36 -1.03 16.75
C GLY A 188 12.32 0.08 16.38
N LEU A 189 12.15 1.26 16.96
CA LEU A 189 13.19 2.28 16.99
C LEU A 189 13.39 2.70 18.45
N ARG A 190 12.86 1.88 19.35
CA ARG A 190 13.14 2.05 20.77
C ARG A 190 13.80 0.78 21.31
N ARG A 191 13.21 -0.40 21.08
CA ARG A 191 13.91 -1.63 21.45
C ARG A 191 15.10 -1.77 20.53
N ASP A 192 14.96 -1.34 19.29
CA ASP A 192 16.10 -1.36 18.40
C ASP A 192 17.13 -0.36 18.92
N LEU A 193 16.68 0.83 19.32
CA LEU A 193 17.62 1.89 19.64
C LEU A 193 18.22 1.74 21.02
N ASP A 194 17.79 0.74 21.80
CA ASP A 194 18.45 0.50 23.08
C ASP A 194 18.75 -0.98 23.35
N ALA A 195 18.27 -1.89 22.50
CA ALA A 195 18.46 -3.31 22.70
C ALA A 195 18.91 -4.02 21.42
N SER A 196 18.67 -3.42 20.26
CA SER A 196 19.55 -3.66 19.12
C SER A 196 20.68 -2.65 19.16
N ARG A 197 20.45 -1.52 19.81
CA ARG A 197 21.56 -0.76 20.33
C ARG A 197 22.28 -1.55 21.41
N GLU A 198 21.88 -2.78 21.66
CA GLU A 198 22.91 -3.74 22.05
C GLU A 198 23.88 -3.91 20.90
N ALA A 199 23.36 -4.15 19.69
CA ALA A 199 24.19 -4.19 18.48
C ALA A 199 24.72 -2.84 18.09
N LYS A 200 24.57 -1.82 18.94
CA LYS A 200 25.39 -0.63 18.78
C LYS A 200 26.22 -0.33 20.02
N LYS A 201 25.62 -0.19 21.21
CA LYS A 201 26.39 -0.06 22.44
C LYS A 201 27.38 -1.19 22.64
N GLN A 202 27.40 -2.21 21.78
CA GLN A 202 28.52 -3.14 21.81
C GLN A 202 29.17 -3.37 20.46
N VAL A 203 28.49 -3.11 19.34
CA VAL A 203 29.15 -3.02 18.04
C VAL A 203 30.00 -1.75 18.05
N GLU A 204 29.98 -1.04 19.17
CA GLU A 204 30.60 0.26 19.32
C GLU A 204 31.65 0.31 20.42
N LYS A 205 31.62 -0.61 21.39
CA LYS A 205 32.73 -0.80 22.32
C LYS A 205 33.54 -2.06 22.03
N GLY A 206 32.89 -3.17 21.67
CA GLY A 206 33.65 -4.25 21.08
C GLY A 206 34.54 -3.78 19.96
N LEU A 207 34.27 -2.61 19.39
CA LEU A 207 35.23 -1.93 18.53
C LEU A 207 36.46 -1.56 19.34
N ALA A 208 36.26 -0.96 20.51
CA ALA A 208 37.36 -0.57 21.40
C ALA A 208 36.77 -0.20 22.76
N ASN A 209 37.61 -0.25 23.80
CA ASN A 209 37.12 -0.05 25.17
C ASN A 209 36.84 1.41 25.49
N LEU A 210 36.92 2.29 24.49
CA LEU A 210 36.64 3.70 24.74
C LEU A 210 35.19 3.94 25.11
N THR A 211 34.28 3.04 24.74
CA THR A 211 32.91 3.02 25.25
C THR A 211 32.89 1.97 26.35
N ALA A 212 32.50 2.37 27.55
CA ALA A 212 32.63 1.48 28.70
C ALA A 212 31.94 0.15 28.45
N GLU A 213 32.73 -0.93 28.36
CA GLU A 213 32.21 -2.27 28.18
C GLU A 213 32.27 -3.03 29.50
N LEU A 214 31.19 -3.71 29.83
CA LEU A 214 31.07 -4.34 31.14
C LEU A 214 32.14 -5.41 31.33
N ASP A 215 32.24 -5.95 32.54
CA ASP A 215 33.37 -6.74 32.99
C ASP A 215 33.19 -8.21 32.66
N LYS A 216 34.19 -9.01 33.05
CA LYS A 216 34.20 -10.46 32.87
C LYS A 216 34.64 -10.80 31.45
N VAL A 217 34.97 -12.06 31.20
CA VAL A 217 35.57 -12.42 29.91
C VAL A 217 34.52 -12.77 28.87
N LYS A 218 33.24 -12.48 29.12
CA LYS A 218 32.18 -12.85 28.19
C LYS A 218 31.25 -11.71 27.82
N GLU A 219 31.52 -10.49 28.27
CA GLU A 219 31.04 -9.31 27.56
C GLU A 219 32.11 -8.90 26.56
N GLU A 220 32.59 -9.92 25.85
CA GLU A 220 33.61 -9.78 24.82
C GLU A 220 33.16 -10.60 23.62
N LYS A 221 32.49 -11.72 23.88
CA LYS A 221 31.72 -12.36 22.81
C LYS A 221 30.57 -11.49 22.38
N GLN A 222 30.23 -10.47 23.19
CA GLN A 222 29.05 -9.68 22.86
C GLN A 222 29.35 -8.63 21.80
N ILE A 223 30.61 -8.40 21.43
CA ILE A 223 30.87 -7.62 20.23
C ILE A 223 29.94 -8.08 19.12
N SER A 224 29.82 -9.41 18.99
CA SER A 224 28.98 -10.03 17.98
C SER A 224 27.68 -10.57 18.57
N ASP A 225 27.60 -10.80 19.88
CA ASP A 225 26.35 -11.32 20.44
C ASP A 225 25.32 -10.21 20.64
N ALA A 226 25.73 -9.07 21.20
CA ALA A 226 24.84 -7.91 21.23
C ALA A 226 24.58 -7.43 19.81
N SER A 227 25.51 -7.70 18.90
CA SER A 227 25.27 -7.50 17.49
C SER A 227 24.13 -8.38 17.00
N ARG A 228 24.18 -9.67 17.32
CA ARG A 228 23.12 -10.61 16.97
C ARG A 228 21.81 -10.25 17.63
N GLN A 229 21.81 -9.71 18.83
CA GLN A 229 20.61 -9.10 19.37
C GLN A 229 20.06 -8.04 18.44
N GLY A 230 20.93 -7.27 17.79
CA GLY A 230 20.50 -6.37 16.75
C GLY A 230 19.89 -7.09 15.57
N LEU A 231 20.63 -8.03 14.99
CA LEU A 231 20.13 -8.79 13.86
C LEU A 231 19.12 -9.85 14.25
N ARG A 232 18.58 -9.77 15.47
CA ARG A 232 17.44 -10.57 15.89
C ARG A 232 16.27 -9.73 16.36
N ARG A 233 16.50 -8.45 16.67
CA ARG A 233 15.47 -7.55 17.16
C ARG A 233 15.14 -6.42 16.19
N ASP A 234 16.14 -5.79 15.58
CA ASP A 234 15.96 -4.75 14.58
C ASP A 234 16.01 -5.28 13.17
N LEU A 235 17.08 -5.99 12.80
CA LEU A 235 17.23 -6.44 11.44
C LEU A 235 16.35 -7.66 11.15
N ASP A 236 15.85 -8.31 12.19
CA ASP A 236 14.76 -9.27 12.04
C ASP A 236 13.42 -8.71 12.46
N ALA A 237 13.35 -7.41 12.77
CA ALA A 237 12.03 -6.79 12.87
C ALA A 237 11.28 -6.96 11.56
N SER A 238 12.01 -7.10 10.46
CA SER A 238 11.42 -7.39 9.15
C SER A 238 10.98 -8.84 9.03
N ARG A 239 11.31 -9.67 10.03
CA ARG A 239 10.83 -11.04 10.09
C ARG A 239 9.65 -11.23 11.02
N GLU A 240 9.56 -10.47 12.10
CA GLU A 240 8.53 -10.69 13.12
C GLU A 240 7.22 -10.01 12.76
N ALA A 241 7.24 -8.69 12.59
CA ALA A 241 6.00 -7.93 12.62
C ALA A 241 5.32 -7.86 11.25
N LYS A 242 6.09 -7.58 10.20
CA LYS A 242 5.49 -7.14 8.93
C LYS A 242 4.38 -8.08 8.48
N LYS A 243 4.61 -9.38 8.56
CA LYS A 243 3.67 -10.35 7.99
C LYS A 243 2.71 -10.87 9.05
N GLN A 244 2.96 -10.57 10.32
CA GLN A 244 2.30 -11.28 11.42
C GLN A 244 0.81 -10.98 11.54
N VAL A 245 0.24 -10.27 10.57
CA VAL A 245 -1.17 -9.91 10.58
C VAL A 245 -1.82 -10.39 9.30
N GLU A 246 -1.24 -11.42 8.68
CA GLU A 246 -1.54 -11.74 7.29
C GLU A 246 -2.82 -12.54 7.11
N LYS A 247 -3.79 -11.95 6.39
CA LYS A 247 -4.92 -12.66 5.82
C LYS A 247 -5.15 -12.19 4.39
N ALA A 248 -5.81 -13.02 3.60
CA ALA A 248 -5.76 -12.94 2.15
C ALA A 248 -7.03 -12.30 1.58
N LEU A 249 -6.84 -11.31 0.70
CA LEU A 249 -7.88 -10.70 -0.11
C LEU A 249 -7.48 -10.79 -1.58
N GLU A 250 -7.06 -11.98 -2.01
CA GLU A 250 -6.77 -12.22 -3.40
C GLU A 250 -8.09 -12.21 -4.15
N GLU A 251 -8.10 -12.64 -5.41
CA GLU A 251 -9.39 -12.92 -6.03
C GLU A 251 -10.11 -13.81 -5.04
N ALA A 252 -11.13 -13.27 -4.37
CA ALA A 252 -11.61 -13.85 -3.12
C ALA A 252 -12.58 -15.00 -3.36
N ASN A 253 -12.17 -15.97 -4.19
CA ASN A 253 -12.98 -17.16 -4.44
C ASN A 253 -12.06 -18.24 -4.98
N SER A 254 -11.88 -19.31 -4.21
CA SER A 254 -11.38 -20.57 -4.73
C SER A 254 -12.51 -21.51 -5.12
N LYS A 255 -13.74 -21.22 -4.66
CA LYS A 255 -14.97 -21.87 -5.13
C LYS A 255 -15.01 -23.34 -4.75
N LEU A 256 -15.07 -24.24 -5.74
CA LEU A 256 -15.17 -25.66 -5.46
C LEU A 256 -13.78 -26.17 -5.13
N ALA A 257 -13.56 -26.47 -3.85
CA ALA A 257 -12.26 -26.75 -3.28
C ALA A 257 -12.30 -26.34 -1.81
N ALA A 258 -13.05 -25.28 -1.52
CA ALA A 258 -13.40 -24.97 -0.14
C ALA A 258 -14.59 -25.80 0.31
N LEU A 259 -15.32 -26.39 -0.63
CA LEU A 259 -16.42 -27.30 -0.36
C LEU A 259 -16.12 -28.71 -0.84
N GLU A 260 -14.85 -29.00 -1.15
CA GLU A 260 -14.50 -30.25 -1.83
C GLU A 260 -14.88 -31.47 -1.01
N LYS A 261 -15.51 -31.26 0.15
CA LYS A 261 -16.14 -32.37 0.86
C LYS A 261 -17.46 -32.81 0.25
N LEU A 262 -17.97 -32.10 -0.76
CA LEU A 262 -19.06 -32.68 -1.54
C LEU A 262 -18.47 -33.91 -2.21
N ASN A 263 -17.32 -33.73 -2.86
CA ASN A 263 -16.76 -34.73 -3.75
C ASN A 263 -16.40 -36.03 -3.03
N LYS A 264 -16.64 -36.13 -1.73
CA LYS A 264 -16.44 -37.40 -1.05
C LYS A 264 -17.33 -38.50 -1.63
N GLU A 265 -18.62 -38.20 -1.82
CA GLU A 265 -19.58 -39.19 -2.30
C GLU A 265 -19.52 -39.42 -3.80
N LEU A 266 -18.78 -38.58 -4.54
CA LEU A 266 -18.54 -38.80 -5.95
C LEU A 266 -17.16 -39.39 -6.23
N GLU A 267 -16.21 -39.20 -5.32
CA GLU A 267 -14.90 -39.86 -5.36
C GLU A 267 -14.95 -41.25 -4.76
N GLU A 268 -15.97 -41.55 -3.96
CA GLU A 268 -16.19 -42.90 -3.45
C GLU A 268 -16.86 -43.80 -4.49
N SER A 269 -17.31 -43.24 -5.61
CA SER A 269 -17.97 -43.99 -6.66
C SER A 269 -17.01 -44.49 -7.73
N LYS A 270 -15.74 -44.10 -7.67
CA LYS A 270 -14.73 -44.55 -8.63
C LYS A 270 -13.69 -45.49 -8.03
N LYS A 271 -13.35 -45.32 -6.75
CA LYS A 271 -12.39 -46.20 -6.11
C LYS A 271 -12.95 -47.61 -5.95
N LEU A 272 -14.17 -47.72 -5.42
CA LEU A 272 -14.81 -49.00 -5.19
C LEU A 272 -16.31 -48.89 -5.46
N THR A 273 -16.94 -50.02 -5.75
CA THR A 273 -18.34 -50.02 -6.14
C THR A 273 -19.25 -49.65 -4.96
N GLU A 274 -20.22 -48.80 -5.26
CA GLU A 274 -21.05 -48.08 -4.29
C GLU A 274 -22.32 -47.62 -4.98
N LYS A 275 -22.90 -46.50 -4.54
CA LYS A 275 -24.20 -46.02 -5.00
C LYS A 275 -25.40 -46.73 -4.35
N GLU A 276 -25.47 -46.63 -3.03
CA GLU A 276 -26.72 -46.85 -2.28
C GLU A 276 -27.60 -45.63 -2.50
N LYS A 277 -28.60 -45.42 -1.65
CA LYS A 277 -29.66 -44.44 -1.90
C LYS A 277 -29.12 -43.23 -2.65
N ALA A 278 -29.87 -42.80 -3.67
CA ALA A 278 -29.46 -41.72 -4.55
C ALA A 278 -29.98 -40.36 -4.10
N GLU A 279 -30.60 -40.31 -2.92
CA GLU A 279 -31.05 -39.02 -2.39
C GLU A 279 -29.88 -38.13 -1.98
N LEU A 280 -28.76 -38.73 -1.57
CA LEU A 280 -27.60 -37.96 -1.15
C LEU A 280 -26.75 -37.47 -2.31
N GLN A 281 -26.96 -38.00 -3.52
CA GLN A 281 -26.29 -37.48 -4.71
C GLN A 281 -27.01 -36.26 -5.26
N ALA A 282 -28.01 -35.77 -4.53
CA ALA A 282 -28.67 -34.50 -4.84
C ALA A 282 -27.95 -33.31 -4.23
N LYS A 283 -26.68 -33.49 -3.84
CA LYS A 283 -25.86 -32.37 -3.39
C LYS A 283 -24.62 -32.26 -4.28
N LEU A 284 -23.98 -33.40 -4.55
CA LEU A 284 -22.75 -33.42 -5.34
C LEU A 284 -22.89 -32.57 -6.61
N GLU A 285 -23.82 -32.97 -7.48
CA GLU A 285 -24.06 -32.27 -8.74
C GLU A 285 -25.29 -31.35 -8.65
N ALA A 286 -25.67 -30.97 -7.43
CA ALA A 286 -26.78 -30.05 -7.22
C ALA A 286 -26.27 -28.70 -6.75
N GLU A 287 -25.38 -28.70 -5.75
CA GLU A 287 -24.74 -27.46 -5.36
C GLU A 287 -23.80 -26.98 -6.45
N ALA A 288 -23.20 -27.91 -7.18
CA ALA A 288 -22.37 -27.57 -8.34
C ALA A 288 -23.21 -26.84 -9.38
N LYS A 289 -24.52 -27.07 -9.35
CA LYS A 289 -25.43 -26.32 -10.23
C LYS A 289 -25.39 -24.83 -9.91
N ALA A 290 -25.44 -24.48 -8.63
CA ALA A 290 -25.33 -23.09 -8.22
C ALA A 290 -23.87 -22.64 -8.32
N LEU A 291 -22.96 -23.58 -8.57
CA LEU A 291 -21.55 -23.26 -8.77
C LEU A 291 -21.21 -23.11 -10.24
N LYS A 292 -22.16 -22.57 -11.03
CA LYS A 292 -21.79 -21.82 -12.22
C LYS A 292 -22.13 -20.35 -12.08
N GLU A 293 -23.18 -19.99 -11.35
CA GLU A 293 -23.33 -18.60 -10.94
C GLU A 293 -22.22 -18.25 -9.95
N GLN A 294 -22.01 -19.10 -8.94
CA GLN A 294 -20.90 -18.88 -8.01
C GLN A 294 -19.57 -18.87 -8.75
N LEU A 295 -19.37 -19.82 -9.66
CA LEU A 295 -18.13 -19.83 -10.43
C LEU A 295 -18.00 -18.55 -11.26
N ALA A 296 -18.88 -18.32 -12.24
CA ALA A 296 -18.84 -17.13 -13.07
C ALA A 296 -18.72 -15.85 -12.26
N LYS A 297 -19.06 -15.88 -10.97
CA LYS A 297 -18.66 -14.81 -10.08
C LYS A 297 -17.18 -14.91 -9.70
N GLN A 298 -16.69 -16.13 -9.48
CA GLN A 298 -15.28 -16.33 -9.13
C GLN A 298 -14.36 -15.96 -10.28
N ALA A 299 -14.62 -16.49 -11.48
CA ALA A 299 -13.81 -16.21 -12.65
C ALA A 299 -13.82 -14.72 -12.96
N GLU A 300 -14.67 -13.95 -12.26
CA GLU A 300 -14.74 -12.52 -12.45
C GLU A 300 -13.95 -11.76 -11.40
N GLU A 301 -14.23 -11.91 -10.11
CA GLU A 301 -13.64 -10.94 -9.18
C GLU A 301 -13.85 -11.32 -7.72
N LEU A 302 -13.32 -10.45 -6.86
CA LEU A 302 -13.28 -10.47 -5.40
C LEU A 302 -14.53 -9.83 -4.79
N ALA A 303 -14.40 -9.22 -3.61
CA ALA A 303 -15.48 -8.61 -2.84
C ALA A 303 -16.14 -9.54 -1.85
N LYS A 304 -15.39 -10.49 -1.31
CA LYS A 304 -15.79 -11.19 -0.10
C LYS A 304 -15.20 -10.52 1.15
N LEU A 305 -13.88 -10.46 1.26
CA LEU A 305 -13.26 -9.84 2.44
C LEU A 305 -13.53 -8.34 2.43
N ARG A 306 -13.50 -7.75 3.64
CA ARG A 306 -13.73 -6.32 3.85
C ARG A 306 -13.01 -5.44 2.84
N ALA A 307 -12.14 -4.54 3.30
CA ALA A 307 -11.58 -3.51 2.42
C ALA A 307 -12.68 -2.96 1.53
N GLU A 308 -13.86 -2.73 2.11
CA GLU A 308 -15.05 -2.37 1.36
C GLU A 308 -15.43 -3.50 0.40
N LYS A 309 -16.64 -4.05 0.56
CA LYS A 309 -17.02 -5.30 -0.07
C LYS A 309 -18.53 -5.51 0.02
N ALA A 310 -18.97 -6.75 -0.24
CA ALA A 310 -20.34 -7.24 -0.17
C ALA A 310 -20.69 -7.89 -1.48
N SER A 311 -21.42 -7.21 -2.35
CA SER A 311 -21.63 -7.73 -3.70
C SER A 311 -22.23 -6.66 -4.59
N ASP A 312 -21.64 -6.49 -5.77
CA ASP A 312 -22.31 -5.92 -6.94
C ASP A 312 -22.42 -6.94 -8.07
N SER A 313 -21.69 -8.05 -7.96
CA SER A 313 -21.54 -9.05 -9.03
C SER A 313 -22.12 -10.42 -8.68
N GLN A 314 -22.80 -10.70 -7.57
CA GLN A 314 -23.27 -12.05 -7.27
C GLN A 314 -24.66 -12.33 -7.80
N THR A 315 -25.08 -11.62 -8.86
CA THR A 315 -26.40 -11.78 -9.47
C THR A 315 -26.74 -10.51 -10.25
N PRO A 316 -26.48 -9.32 -9.71
CA PRO A 316 -26.64 -8.12 -10.54
C PRO A 316 -25.80 -8.18 -11.80
N ASP A 317 -24.60 -8.76 -11.71
CA ASP A 317 -23.87 -9.23 -12.89
C ASP A 317 -23.38 -10.64 -12.57
N ALA A 318 -24.23 -11.63 -12.84
CA ALA A 318 -23.84 -13.03 -12.88
C ALA A 318 -24.41 -13.73 -14.11
N LYS A 319 -25.30 -13.07 -14.84
CA LYS A 319 -25.91 -13.55 -16.07
C LYS A 319 -24.84 -13.83 -17.12
N PRO A 320 -23.81 -12.98 -17.28
CA PRO A 320 -22.73 -13.33 -18.20
C PRO A 320 -22.17 -14.71 -17.91
N GLY A 321 -22.33 -15.63 -18.85
CA GLY A 321 -22.03 -17.03 -18.65
C GLY A 321 -23.23 -17.83 -18.20
N ASN A 322 -23.94 -17.34 -17.17
CA ASN A 322 -25.18 -17.98 -16.74
C ASN A 322 -26.21 -17.92 -17.86
N LYS A 323 -26.63 -16.70 -18.21
CA LYS A 323 -27.57 -16.48 -19.30
C LYS A 323 -26.90 -15.80 -20.49
N ALA A 324 -25.67 -15.32 -20.32
CA ALA A 324 -24.84 -14.83 -21.42
C ALA A 324 -25.32 -13.51 -22.00
N VAL A 325 -25.82 -12.60 -21.16
CA VAL A 325 -26.13 -11.24 -21.60
C VAL A 325 -25.74 -10.25 -20.53
N PRO A 326 -25.32 -9.04 -20.89
CA PRO A 326 -25.19 -7.98 -19.88
C PRO A 326 -26.53 -7.69 -19.22
N GLY A 327 -26.49 -7.45 -17.92
CA GLY A 327 -27.71 -7.33 -17.15
C GLY A 327 -27.94 -5.98 -16.50
N LYS A 328 -27.29 -4.94 -17.01
CA LYS A 328 -27.44 -3.60 -16.46
C LYS A 328 -27.48 -2.59 -17.60
N GLY A 329 -28.11 -1.45 -17.32
CA GLY A 329 -28.23 -0.40 -18.31
C GLY A 329 -28.97 -0.84 -19.56
N GLN A 330 -30.25 -1.16 -19.41
CA GLN A 330 -31.07 -1.55 -20.56
C GLN A 330 -30.49 -2.77 -21.28
N ALA A 331 -30.58 -3.92 -20.63
CA ALA A 331 -29.94 -5.16 -21.09
C ALA A 331 -30.05 -5.33 -22.60
N PRO A 332 -28.96 -5.70 -23.29
CA PRO A 332 -29.07 -5.95 -24.73
C PRO A 332 -30.09 -7.02 -25.08
N GLN A 333 -30.32 -7.22 -26.37
CA GLN A 333 -31.35 -8.16 -26.82
C GLN A 333 -30.95 -9.62 -26.63
N ALA A 334 -29.72 -9.88 -26.22
CA ALA A 334 -29.33 -11.25 -25.90
C ALA A 334 -29.84 -11.63 -24.51
N GLY A 335 -29.61 -12.89 -24.14
CA GLY A 335 -29.90 -13.33 -22.79
C GLY A 335 -30.78 -14.56 -22.67
N THR A 336 -31.42 -14.94 -23.78
CA THR A 336 -32.38 -16.04 -23.79
C THR A 336 -33.70 -15.62 -23.17
N LYS A 337 -33.77 -14.38 -22.67
CA LYS A 337 -35.03 -13.78 -22.21
C LYS A 337 -34.91 -12.26 -22.18
N PRO A 338 -34.52 -11.64 -23.30
CA PRO A 338 -34.35 -10.18 -23.31
C PRO A 338 -35.65 -9.43 -23.09
N ASN A 339 -35.60 -8.25 -22.48
CA ASN A 339 -36.82 -7.58 -22.07
C ASN A 339 -36.82 -6.07 -22.25
N GLN A 340 -36.00 -5.51 -23.14
CA GLN A 340 -35.98 -4.06 -23.31
C GLN A 340 -35.30 -3.61 -24.60
N ASN A 341 -35.72 -2.47 -25.14
CA ASN A 341 -35.14 -1.93 -26.37
C ASN A 341 -35.05 -0.40 -26.32
N LYS A 342 -34.63 0.16 -25.16
CA LYS A 342 -34.63 1.62 -24.96
C LYS A 342 -33.30 2.11 -24.37
N ALA A 343 -32.30 2.32 -25.24
CA ALA A 343 -31.08 3.01 -24.85
C ALA A 343 -30.09 3.11 -26.00
N PRO A 344 -29.01 3.87 -25.85
CA PRO A 344 -27.87 3.76 -26.77
C PRO A 344 -27.29 2.35 -26.64
N MET A 345 -26.79 1.83 -27.75
CA MET A 345 -26.33 0.45 -27.76
C MET A 345 -25.63 0.12 -29.08
N LYS A 346 -25.23 -1.13 -29.22
CA LYS A 346 -24.88 -1.71 -30.51
C LYS A 346 -25.98 -2.69 -30.88
N GLU A 347 -26.71 -2.37 -31.96
CA GLU A 347 -27.80 -3.19 -32.44
C GLU A 347 -27.44 -4.68 -32.36
N THR A 348 -28.25 -5.47 -31.65
CA THR A 348 -27.72 -6.68 -31.02
C THR A 348 -28.28 -8.01 -31.56
N LYS A 349 -29.61 -8.23 -31.54
CA LYS A 349 -30.09 -9.58 -31.82
C LYS A 349 -30.99 -9.65 -33.06
N ARG A 350 -32.13 -8.97 -33.04
CA ARG A 350 -32.91 -8.85 -34.26
C ARG A 350 -32.04 -8.12 -35.26
N GLN A 351 -31.39 -7.06 -34.79
CA GLN A 351 -30.26 -6.48 -35.50
C GLN A 351 -29.06 -7.34 -35.17
N LEU A 352 -27.94 -7.22 -35.87
CA LEU A 352 -26.91 -8.25 -35.74
C LEU A 352 -25.51 -7.67 -35.81
N PRO A 353 -24.72 -7.80 -34.72
CA PRO A 353 -23.27 -7.91 -34.85
C PRO A 353 -22.91 -9.37 -35.05
N SER A 354 -21.64 -9.72 -34.92
CA SER A 354 -21.31 -11.14 -34.92
C SER A 354 -22.07 -11.86 -33.81
N THR A 355 -21.89 -13.17 -33.72
CA THR A 355 -22.81 -14.06 -33.00
C THR A 355 -23.34 -13.44 -31.71
N GLY A 356 -24.66 -13.45 -31.54
CA GLY A 356 -25.29 -12.77 -30.42
C GLY A 356 -25.46 -13.65 -29.21
#